data_3L6J
#
_entry.id   3L6J
#
_cell.length_a   123.268
_cell.length_b   123.268
_cell.length_c   123.268
_cell.angle_alpha   90.00
_cell.angle_beta   90.00
_cell.angle_gamma   90.00
#
_symmetry.space_group_name_H-M   'P 21 3'
#
loop_
_entity.id
_entity.type
_entity.pdbx_description
1 polymer 'Alr2278 protein'
2 non-polymer '4-({(4-carboxybutyl)[2-(2-{[4-(2-phenylethyl)benzyl]oxy}phenyl)ethyl]amino}methyl)benzoic acid'
3 water water
#
_entity_poly.entity_id   1
_entity_poly.type   'polypeptide(L)'
_entity_poly.pdbx_seq_one_letter_code
;MYGLVNKAIQDMISKHHGEDTWEAIKQKAGLEDIDFFVGMEAYSDDVTYHLVGAASEVLGKPAEELLIAFGEYWVTYTSE
EGYGELLASAGDSLPEFMENLDNLHARVGLSFPQLRPPAFECQHTSSKSMELHYQSTRCGLAPMVLGLLHGLGKRFQTKV
EVTQTAFRETGEDHDIFSIKYEDSNLYDD
;
_entity_poly.pdbx_strand_id   A,B
#
loop_
_chem_comp.id
_chem_comp.type
_chem_comp.name
_chem_comp.formula
Z90 non-polymer '4-({(4-carboxybutyl)[2-(2-{[4-(2-phenylethyl)benzyl]oxy}phenyl)ethyl]amino}methyl)benzoic acid' 'C36 H39 N O5'
#
# COMPACT_ATOMS: atom_id res chain seq x y z
N MET A 1 -12.00 -2.58 3.49
CA MET A 1 -11.76 -3.46 2.30
C MET A 1 -13.07 -3.73 1.58
N TYR A 2 -12.98 -4.25 0.36
CA TYR A 2 -14.17 -4.66 -0.38
C TYR A 2 -14.97 -5.72 0.38
N GLY A 3 -16.29 -5.60 0.31
CA GLY A 3 -17.20 -6.37 1.16
C GLY A 3 -17.03 -7.87 1.12
N LEU A 4 -16.41 -8.35 0.06
CA LEU A 4 -16.19 -9.79 -0.09
C LEU A 4 -15.34 -10.32 1.07
N VAL A 5 -14.45 -9.48 1.60
CA VAL A 5 -13.61 -9.86 2.73
C VAL A 5 -14.47 -10.07 3.98
N ASN A 6 -15.38 -9.12 4.22
CA ASN A 6 -16.26 -9.19 5.37
C ASN A 6 -17.32 -10.27 5.21
N LYS A 7 -17.80 -10.48 3.99
CA LYS A 7 -18.67 -11.60 3.66
C LYS A 7 -17.98 -12.93 3.95
N ALA A 8 -16.67 -13.01 3.68
CA ALA A 8 -15.92 -14.24 3.93
C ALA A 8 -15.71 -14.50 5.41
N ILE A 9 -15.53 -13.44 6.20
CA ILE A 9 -15.35 -13.57 7.64
C ILE A 9 -16.64 -14.11 8.22
N GLN A 10 -17.73 -13.44 7.87
CA GLN A 10 -19.07 -13.86 8.24
C GLN A 10 -19.29 -15.33 7.91
N ASP A 11 -18.99 -15.70 6.67
CA ASP A 11 -19.18 -17.08 6.20
C ASP A 11 -18.37 -18.08 7.01
N MET A 12 -17.11 -17.73 7.28
CA MET A 12 -16.22 -18.60 8.06
C MET A 12 -16.75 -18.85 9.48
N ILE A 13 -17.07 -17.76 10.18
CA ILE A 13 -17.56 -17.80 11.56
C ILE A 13 -18.91 -18.50 11.66
N SER A 14 -19.85 -18.12 10.79
CA SER A 14 -21.17 -18.74 10.73
C SER A 14 -21.10 -20.24 10.51
N LYS A 15 -20.24 -20.67 9.59
CA LYS A 15 -20.09 -22.08 9.25
C LYS A 15 -19.43 -22.87 10.39
N HIS A 16 -18.39 -22.31 11.00
CA HIS A 16 -17.67 -23.04 12.05
C HIS A 16 -18.35 -22.99 13.43
N HIS A 17 -19.07 -21.90 13.71
CA HIS A 17 -19.59 -21.65 15.07
C HIS A 17 -21.11 -21.41 15.17
N GLY A 18 -21.81 -21.41 14.04
CA GLY A 18 -23.26 -21.20 14.02
C GLY A 18 -23.64 -19.75 13.83
N GLU A 19 -24.92 -19.49 13.59
CA GLU A 19 -25.43 -18.12 13.32
C GLU A 19 -25.48 -17.21 14.55
N ASP A 20 -25.88 -17.78 15.69
CA ASP A 20 -26.07 -17.00 16.91
C ASP A 20 -24.77 -16.35 17.37
N THR A 21 -23.68 -17.12 17.32
CA THR A 21 -22.34 -16.59 17.57
C THR A 21 -22.04 -15.43 16.60
N TRP A 22 -22.27 -15.64 15.30
CA TRP A 22 -22.01 -14.59 14.33
C TRP A 22 -22.84 -13.33 14.62
N GLU A 23 -24.11 -13.53 14.96
CA GLU A 23 -24.98 -12.43 15.31
C GLU A 23 -24.46 -11.69 16.54
N ALA A 24 -23.92 -12.45 17.49
CA ALA A 24 -23.29 -11.86 18.69
C ALA A 24 -22.01 -11.08 18.37
N ILE A 25 -21.15 -11.66 17.52
CA ILE A 25 -19.91 -11.02 17.05
C ILE A 25 -20.22 -9.73 16.27
N LYS A 26 -21.22 -9.81 15.40
CA LYS A 26 -21.70 -8.67 14.61
C LYS A 26 -22.16 -7.51 15.50
N GLN A 27 -22.93 -7.85 16.54
CA GLN A 27 -23.42 -6.86 17.52
C GLN A 27 -22.29 -6.16 18.27
N LYS A 28 -21.36 -6.94 18.83
CA LYS A 28 -20.21 -6.40 19.56
C LYS A 28 -19.34 -5.46 18.74
N ALA A 29 -19.07 -5.83 17.48
CA ALA A 29 -18.31 -4.97 16.56
C ALA A 29 -19.00 -3.63 16.33
N GLY A 30 -20.30 -3.58 16.61
CA GLY A 30 -21.11 -2.38 16.43
C GLY A 30 -21.66 -2.28 15.01
N LEU A 31 -21.90 -3.43 14.40
CA LEU A 31 -22.28 -3.52 12.99
C LEU A 31 -23.67 -4.16 12.78
N GLU A 32 -24.47 -4.20 13.85
CA GLU A 32 -25.87 -4.63 13.80
C GLU A 32 -26.71 -3.84 12.80
N ASP A 33 -26.29 -2.60 12.54
CA ASP A 33 -26.91 -1.72 11.54
C ASP A 33 -26.82 -2.28 10.11
N ILE A 34 -25.67 -2.87 9.78
CA ILE A 34 -25.44 -3.47 8.46
C ILE A 34 -26.16 -4.82 8.36
N ASP A 35 -27.13 -4.92 7.45
CA ASP A 35 -27.96 -6.13 7.37
C ASP A 35 -27.33 -7.26 6.55
N PHE A 36 -26.48 -6.88 5.60
CA PHE A 36 -25.67 -7.82 4.82
C PHE A 36 -24.52 -7.06 4.17
N PHE A 37 -23.40 -7.73 3.94
CA PHE A 37 -22.28 -7.07 3.27
C PHE A 37 -22.44 -7.16 1.76
N VAL A 38 -22.12 -6.06 1.08
CA VAL A 38 -22.19 -5.95 -0.37
C VAL A 38 -20.80 -6.26 -0.95
N GLY A 39 -20.67 -7.41 -1.62
CA GLY A 39 -19.38 -7.96 -2.03
C GLY A 39 -18.49 -7.05 -2.85
N MET A 40 -19.12 -6.20 -3.64
CA MET A 40 -18.40 -5.32 -4.55
C MET A 40 -18.40 -3.87 -4.07
N GLU A 41 -18.75 -3.66 -2.80
CA GLU A 41 -18.75 -2.32 -2.20
C GLU A 41 -17.52 -2.15 -1.30
N ALA A 42 -16.91 -0.97 -1.36
CA ALA A 42 -15.77 -0.64 -0.49
C ALA A 42 -16.23 -0.20 0.90
N TYR A 43 -15.68 -0.85 1.92
CA TYR A 43 -15.96 -0.50 3.31
C TYR A 43 -14.72 0.13 3.93
N SER A 44 -14.92 0.86 5.01
CA SER A 44 -13.80 1.27 5.86
C SER A 44 -13.15 0.00 6.40
N ASP A 45 -11.83 -0.01 6.46
CA ASP A 45 -11.07 -1.14 7.01
C ASP A 45 -11.49 -1.44 8.44
N ASP A 46 -11.91 -0.41 9.18
CA ASP A 46 -12.28 -0.54 10.58
C ASP A 46 -13.37 -1.57 10.80
N VAL A 47 -14.22 -1.74 9.77
CA VAL A 47 -15.26 -2.76 9.75
C VAL A 47 -14.60 -4.14 9.87
N THR A 48 -13.56 -4.39 9.07
CA THR A 48 -12.84 -5.67 9.17
C THR A 48 -12.16 -5.82 10.54
N TYR A 49 -11.37 -4.82 10.90
CA TYR A 49 -10.69 -4.83 12.20
C TYR A 49 -11.67 -5.09 13.36
N HIS A 50 -12.78 -4.36 13.39
CA HIS A 50 -13.80 -4.53 14.45
C HIS A 50 -14.44 -5.92 14.53
N LEU A 51 -14.63 -6.55 13.37
CA LEU A 51 -15.13 -7.92 13.29
C LEU A 51 -14.13 -8.94 13.83
N VAL A 52 -12.86 -8.77 13.47
CA VAL A 52 -11.78 -9.62 13.97
C VAL A 52 -11.61 -9.42 15.48
N GLY A 53 -11.53 -8.15 15.91
CA GLY A 53 -11.50 -7.78 17.33
C GLY A 53 -12.64 -8.34 18.17
N ALA A 54 -13.86 -8.30 17.64
CA ALA A 54 -15.03 -8.79 18.37
C ALA A 54 -15.10 -10.31 18.39
N ALA A 55 -14.66 -10.94 17.30
CA ALA A 55 -14.61 -12.40 17.23
C ALA A 55 -13.55 -12.96 18.17
N SER A 56 -12.46 -12.22 18.34
CA SER A 56 -11.41 -12.61 19.29
C SER A 56 -11.93 -12.66 20.73
N GLU A 57 -12.68 -11.62 21.10
CA GLU A 57 -13.29 -11.53 22.42
C GLU A 57 -14.35 -12.60 22.65
N VAL A 58 -15.20 -12.83 21.64
CA VAL A 58 -16.33 -13.74 21.77
C VAL A 58 -15.92 -15.22 21.73
N LEU A 59 -14.94 -15.55 20.90
CA LEU A 59 -14.47 -16.92 20.78
C LEU A 59 -13.41 -17.28 21.82
N GLY A 60 -12.77 -16.26 22.38
CA GLY A 60 -11.67 -16.46 23.34
C GLY A 60 -10.39 -16.99 22.69
N LYS A 61 -10.17 -16.63 21.44
CA LYS A 61 -8.91 -16.88 20.73
C LYS A 61 -8.26 -15.55 20.37
N PRO A 62 -6.92 -15.54 20.18
CA PRO A 62 -6.29 -14.30 19.75
C PRO A 62 -6.71 -13.93 18.33
N ALA A 63 -6.71 -12.63 18.04
CA ALA A 63 -7.02 -12.13 16.70
C ALA A 63 -6.10 -12.76 15.65
N GLU A 64 -4.81 -12.82 15.97
CA GLU A 64 -3.80 -13.37 15.03
C GLU A 64 -4.08 -14.81 14.64
N GLU A 65 -4.50 -15.61 15.61
CA GLU A 65 -4.93 -16.98 15.37
C GLU A 65 -6.11 -17.00 14.38
N LEU A 66 -7.04 -16.07 14.56
CA LEU A 66 -8.17 -15.94 13.65
C LEU A 66 -7.75 -15.44 12.26
N LEU A 67 -6.71 -14.61 12.20
CA LEU A 67 -6.20 -14.11 10.93
C LEU A 67 -5.58 -15.24 10.13
N ILE A 68 -4.90 -16.14 10.82
CA ILE A 68 -4.25 -17.27 10.17
C ILE A 68 -5.32 -18.14 9.54
N ALA A 69 -6.31 -18.53 10.34
CA ALA A 69 -7.45 -19.31 9.89
C ALA A 69 -8.23 -18.64 8.75
N PHE A 70 -8.48 -17.35 8.86
CA PHE A 70 -9.21 -16.64 7.80
C PHE A 70 -8.45 -16.62 6.47
N GLY A 71 -7.14 -16.36 6.54
CA GLY A 71 -6.22 -16.49 5.40
C GLY A 71 -6.32 -17.83 4.67
N GLU A 72 -6.44 -18.92 5.42
CA GLU A 72 -6.65 -20.27 4.85
C GLU A 72 -8.03 -20.41 4.20
N TYR A 73 -9.03 -19.79 4.80
CA TYR A 73 -10.40 -19.88 4.31
C TYR A 73 -10.61 -19.11 3.01
N TRP A 74 -9.88 -18.00 2.88
CA TRP A 74 -10.04 -17.04 1.79
C TRP A 74 -9.79 -17.69 0.43
N VAL A 75 -8.72 -18.47 0.34
CA VAL A 75 -8.31 -19.18 -0.88
C VAL A 75 -9.40 -20.12 -1.41
N THR A 76 -10.11 -20.79 -0.49
CA THR A 76 -11.15 -21.74 -0.84
C THR A 76 -12.43 -20.99 -1.18
N TYR A 77 -12.76 -20.01 -0.33
CA TYR A 77 -13.97 -19.23 -0.48
C TYR A 77 -14.05 -18.52 -1.83
N THR A 78 -12.98 -17.84 -2.22
CA THR A 78 -12.99 -17.09 -3.48
C THR A 78 -13.06 -18.02 -4.71
N SER A 79 -12.40 -19.17 -4.64
CA SER A 79 -12.48 -20.16 -5.73
C SER A 79 -13.92 -20.58 -6.00
N GLU A 80 -14.76 -20.49 -4.97
CA GLU A 80 -16.15 -20.94 -5.03
C GLU A 80 -17.17 -19.82 -5.22
N GLU A 81 -16.78 -18.57 -4.99
CA GLU A 81 -17.75 -17.46 -5.07
C GLU A 81 -17.53 -16.55 -6.28
N GLY A 82 -16.99 -17.11 -7.36
CA GLY A 82 -16.83 -16.38 -8.61
C GLY A 82 -15.41 -16.03 -9.06
N TYR A 83 -14.41 -16.61 -8.40
CA TYR A 83 -13.00 -16.28 -8.67
C TYR A 83 -12.13 -17.49 -8.98
N GLY A 84 -12.76 -18.66 -9.14
CA GLY A 84 -12.07 -19.91 -9.44
C GLY A 84 -11.18 -19.89 -10.68
N GLU A 85 -11.67 -19.29 -11.77
CA GLU A 85 -10.90 -19.24 -13.03
C GLU A 85 -9.72 -18.27 -12.96
N LEU A 86 -9.94 -17.12 -12.34
CA LEU A 86 -8.89 -16.15 -12.07
C LEU A 86 -7.79 -16.78 -11.22
N LEU A 87 -8.19 -17.45 -10.14
CA LEU A 87 -7.24 -18.20 -9.34
C LEU A 87 -6.48 -19.20 -10.19
N ALA A 88 -7.21 -19.99 -10.98
CA ALA A 88 -6.57 -20.97 -11.86
C ALA A 88 -5.55 -20.30 -12.79
N SER A 89 -5.88 -19.11 -13.27
CA SER A 89 -5.05 -18.39 -14.25
C SER A 89 -3.69 -17.97 -13.71
N ALA A 90 -3.55 -17.96 -12.39
CA ALA A 90 -2.29 -17.59 -11.73
C ALA A 90 -1.33 -18.77 -11.48
N GLY A 91 -1.70 -19.96 -11.93
CA GLY A 91 -0.74 -21.06 -11.99
C GLY A 91 -1.05 -22.33 -11.21
N ASP A 92 -0.16 -23.32 -11.35
CA ASP A 92 -0.33 -24.66 -10.77
C ASP A 92 0.71 -24.98 -9.68
N SER A 93 1.32 -23.94 -9.12
CA SER A 93 2.33 -24.10 -8.08
C SER A 93 2.45 -22.84 -7.21
N LEU A 94 2.92 -23.02 -5.99
CA LEU A 94 3.06 -21.92 -5.03
C LEU A 94 4.01 -20.81 -5.47
N PRO A 95 5.22 -21.15 -5.97
CA PRO A 95 6.11 -20.07 -6.44
C PRO A 95 5.57 -19.31 -7.65
N GLU A 96 4.93 -20.02 -8.57
CA GLU A 96 4.34 -19.37 -9.73
C GLU A 96 3.20 -18.46 -9.30
N PHE A 97 2.33 -18.99 -8.43
CA PHE A 97 1.18 -18.21 -7.94
C PHE A 97 1.59 -16.88 -7.34
N MET A 98 2.68 -16.88 -6.57
CA MET A 98 3.14 -15.67 -5.88
C MET A 98 3.75 -14.66 -6.84
N GLU A 99 4.52 -15.14 -7.83
CA GLU A 99 5.00 -14.30 -8.93
C GLU A 99 3.86 -13.64 -9.72
N ASN A 100 2.73 -14.32 -9.81
CA ASN A 100 1.58 -13.82 -10.58
C ASN A 100 0.62 -12.93 -9.79
N LEU A 101 0.82 -12.88 -8.47
CA LEU A 101 -0.15 -12.24 -7.58
C LEU A 101 -0.27 -10.73 -7.82
N ASP A 102 0.84 -10.06 -8.11
CA ASP A 102 0.79 -8.62 -8.38
C ASP A 102 -0.05 -8.35 -9.63
N ASN A 103 0.07 -9.24 -10.62
CA ASN A 103 -0.72 -9.15 -11.84
C ASN A 103 -2.17 -9.59 -11.67
N LEU A 104 -2.40 -10.64 -10.89
CA LEU A 104 -3.77 -11.08 -10.58
C LEU A 104 -4.57 -9.93 -9.95
N HIS A 105 -3.92 -9.15 -9.09
CA HIS A 105 -4.55 -7.98 -8.46
C HIS A 105 -4.76 -6.81 -9.43
N ALA A 106 -3.87 -6.65 -10.39
CA ALA A 106 -4.07 -5.66 -11.46
C ALA A 106 -5.38 -5.89 -12.22
N ARG A 107 -5.67 -7.16 -12.51
CA ARG A 107 -6.94 -7.60 -13.12
C ARG A 107 -8.16 -7.28 -12.27
N VAL A 108 -8.06 -7.57 -10.98
CA VAL A 108 -9.16 -7.30 -10.05
C VAL A 108 -9.40 -5.80 -9.99
N GLY A 109 -8.32 -5.02 -9.88
CA GLY A 109 -8.39 -3.57 -9.74
C GLY A 109 -9.06 -2.78 -10.85
N LEU A 110 -9.03 -3.31 -12.07
CA LEU A 110 -9.73 -2.69 -13.20
C LEU A 110 -11.18 -2.60 -12.79
N SER A 111 -11.77 -3.78 -12.64
CA SER A 111 -13.08 -3.93 -12.05
C SER A 111 -13.25 -2.96 -10.87
N PHE A 112 -12.41 -3.13 -9.85
CA PHE A 112 -12.57 -2.42 -8.56
C PHE A 112 -11.52 -1.37 -8.26
N PRO A 113 -11.90 -0.10 -8.42
CA PRO A 113 -11.02 1.07 -8.39
C PRO A 113 -10.46 1.43 -7.01
N GLN A 114 -11.18 1.10 -5.94
CA GLN A 114 -10.69 1.42 -4.58
C GLN A 114 -9.84 0.28 -3.97
N LEU A 115 -9.51 -0.71 -4.79
CA LEU A 115 -8.65 -1.79 -4.33
C LEU A 115 -7.31 -1.25 -3.90
N ARG A 116 -6.89 -1.60 -2.70
CA ARG A 116 -5.55 -1.29 -2.21
C ARG A 116 -4.76 -2.57 -2.04
N PRO A 117 -4.23 -3.09 -3.16
CA PRO A 117 -3.59 -4.41 -3.11
C PRO A 117 -2.22 -4.36 -2.44
N PRO A 118 -1.85 -5.45 -1.73
CA PRO A 118 -0.52 -5.55 -1.16
C PRO A 118 0.51 -5.83 -2.24
N ALA A 119 1.74 -5.36 -2.03
CA ALA A 119 2.85 -5.66 -2.92
C ALA A 119 3.70 -6.82 -2.40
N PHE A 120 3.94 -7.79 -3.26
CA PHE A 120 4.76 -8.94 -2.94
C PHE A 120 6.00 -8.99 -3.82
N GLU A 121 7.13 -9.33 -3.22
CA GLU A 121 8.36 -9.52 -3.98
C GLU A 121 8.99 -10.85 -3.58
N CYS A 122 9.11 -11.74 -4.57
CA CYS A 122 9.70 -13.07 -4.39
C CYS A 122 11.19 -13.08 -4.73
N GLN A 123 11.94 -13.85 -3.95
CA GLN A 123 13.34 -14.11 -4.26
C GLN A 123 13.58 -15.61 -4.08
N HIS A 124 13.77 -16.31 -5.18
CA HIS A 124 13.86 -17.77 -5.15
C HIS A 124 15.29 -18.23 -4.81
N THR A 125 15.45 -18.70 -3.58
CA THR A 125 16.75 -19.16 -3.06
C THR A 125 17.09 -20.58 -3.52
N SER A 126 16.07 -21.35 -3.85
CA SER A 126 16.23 -22.66 -4.48
C SER A 126 14.97 -23.00 -5.30
N SER A 127 14.91 -24.23 -5.81
CA SER A 127 13.71 -24.72 -6.49
C SER A 127 12.69 -25.25 -5.47
N LYS A 128 13.04 -25.13 -4.19
CA LYS A 128 12.20 -25.59 -3.09
C LYS A 128 12.11 -24.59 -1.93
N SER A 129 12.63 -23.38 -2.14
CA SER A 129 12.63 -22.31 -1.12
C SER A 129 12.61 -20.90 -1.71
N MET A 130 12.15 -19.92 -0.92
CA MET A 130 12.09 -18.52 -1.34
C MET A 130 11.91 -17.57 -0.15
N GLU A 131 12.40 -16.34 -0.30
CA GLU A 131 12.04 -15.29 0.65
C GLU A 131 11.02 -14.34 0.04
N LEU A 132 10.02 -14.00 0.85
CA LEU A 132 8.88 -13.24 0.38
C LEU A 132 8.79 -11.95 1.13
N HIS A 133 8.89 -10.84 0.41
CA HIS A 133 8.74 -9.53 0.99
C HIS A 133 7.28 -9.10 0.83
N TYR A 134 6.65 -8.72 1.94
CA TYR A 134 5.26 -8.35 1.92
C TYR A 134 5.11 -6.90 2.34
N GLN A 135 4.46 -6.11 1.48
CA GLN A 135 4.34 -4.66 1.68
C GLN A 135 2.88 -4.27 1.54
N SER A 136 2.39 -3.52 2.52
CA SER A 136 0.95 -3.27 2.57
C SER A 136 0.60 -1.89 3.05
N THR A 137 -0.58 -1.42 2.63
CA THR A 137 -1.13 -0.17 3.13
C THR A 137 -1.82 -0.40 4.48
N ARG A 138 -1.94 -1.67 4.87
CA ARG A 138 -2.61 -2.05 6.10
C ARG A 138 -1.63 -2.57 7.14
N CYS A 139 -2.02 -2.45 8.41
CA CYS A 139 -1.16 -2.85 9.52
C CYS A 139 -1.72 -4.12 10.14
N GLY A 140 -0.83 -5.05 10.50
CA GLY A 140 -1.17 -6.24 11.28
C GLY A 140 -1.84 -7.41 10.58
N LEU A 141 -1.60 -7.56 9.27
CA LEU A 141 -2.24 -8.64 8.52
C LEU A 141 -1.25 -9.70 8.07
N ALA A 142 -0.01 -9.55 8.49
CA ALA A 142 1.02 -10.57 8.32
C ALA A 142 0.52 -11.97 8.71
N PRO A 143 -0.18 -12.10 9.86
CA PRO A 143 -0.70 -13.44 10.21
C PRO A 143 -1.65 -14.01 9.18
N MET A 144 -2.44 -13.15 8.54
CA MET A 144 -3.33 -13.58 7.45
C MET A 144 -2.55 -14.09 6.24
N VAL A 145 -1.42 -13.46 5.95
CA VAL A 145 -0.55 -13.86 4.85
C VAL A 145 -0.02 -15.29 5.08
N LEU A 146 0.33 -15.56 6.34
CA LEU A 146 0.76 -16.88 6.78
C LEU A 146 -0.30 -17.94 6.48
N GLY A 147 -1.54 -17.64 6.83
CA GLY A 147 -2.68 -18.49 6.48
C GLY A 147 -2.84 -18.64 4.98
N LEU A 148 -2.84 -17.52 4.25
CA LEU A 148 -3.00 -17.54 2.79
C LEU A 148 -1.99 -18.50 2.18
N LEU A 149 -0.74 -18.38 2.63
CA LEU A 149 0.33 -19.23 2.11
C LEU A 149 0.05 -20.70 2.36
N HIS A 150 -0.47 -21.01 3.55
CA HIS A 150 -0.88 -22.38 3.88
C HIS A 150 -2.14 -22.81 3.11
N GLY A 151 -2.99 -21.85 2.76
CA GLY A 151 -4.11 -22.11 1.85
C GLY A 151 -3.60 -22.56 0.48
N LEU A 152 -2.60 -21.85 -0.04
CA LEU A 152 -2.02 -22.16 -1.34
C LEU A 152 -1.36 -23.55 -1.37
N GLY A 153 -0.55 -23.84 -0.35
CA GLY A 153 0.01 -25.19 -0.16
C GLY A 153 -1.06 -26.27 -0.29
N LYS A 154 -2.17 -26.10 0.43
CA LYS A 154 -3.30 -27.01 0.36
C LYS A 154 -3.91 -27.06 -1.06
N ARG A 155 -3.99 -25.91 -1.71
CA ARG A 155 -4.57 -25.84 -3.05
C ARG A 155 -3.75 -26.63 -4.07
N PHE A 156 -2.43 -26.61 -3.92
CA PHE A 156 -1.51 -27.21 -4.87
C PHE A 156 -0.95 -28.54 -4.36
N GLN A 157 -1.58 -29.07 -3.29
CA GLN A 157 -1.17 -30.34 -2.66
C GLN A 157 0.33 -30.34 -2.30
N THR A 158 0.80 -29.22 -1.77
CA THR A 158 2.21 -29.01 -1.43
C THR A 158 2.39 -28.79 0.07
N LYS A 159 3.43 -29.43 0.63
CA LYS A 159 3.84 -29.17 2.01
C LYS A 159 4.58 -27.84 2.08
N VAL A 160 4.12 -26.95 2.96
CA VAL A 160 4.69 -25.61 3.08
C VAL A 160 5.06 -25.23 4.52
N GLU A 161 6.26 -24.70 4.67
CA GLU A 161 6.73 -24.19 5.96
C GLU A 161 6.91 -22.70 5.78
N VAL A 162 6.36 -21.92 6.70
CA VAL A 162 6.49 -20.49 6.64
C VAL A 162 6.93 -19.94 7.99
N THR A 163 7.99 -19.13 7.97
CA THR A 163 8.48 -18.48 9.17
C THR A 163 8.70 -17.04 8.81
N GLN A 164 8.25 -16.13 9.67
CA GLN A 164 8.52 -14.72 9.47
C GLN A 164 9.88 -14.36 10.05
N THR A 165 10.75 -13.81 9.20
CA THR A 165 12.12 -13.45 9.61
C THR A 165 12.26 -11.99 10.02
N ALA A 166 11.36 -11.13 9.54
CA ALA A 166 11.37 -9.70 9.90
C ALA A 166 9.96 -9.18 10.04
N PHE A 167 9.73 -8.36 11.07
CA PHE A 167 8.42 -7.82 11.38
C PHE A 167 8.50 -6.30 11.34
N ARG A 168 7.41 -5.67 10.90
CA ARG A 168 7.27 -4.21 10.94
C ARG A 168 7.26 -3.67 12.36
N GLU A 169 7.13 -4.56 13.33
CA GLU A 169 6.98 -4.18 14.73
C GLU A 169 8.28 -4.28 15.56
N THR A 170 9.31 -4.90 14.99
CA THR A 170 10.66 -4.82 15.56
C THR A 170 11.38 -3.60 14.97
N GLY A 171 10.65 -2.82 14.16
CA GLY A 171 11.16 -1.60 13.53
C GLY A 171 11.41 -1.69 12.03
N GLU A 172 11.49 -2.93 11.52
CA GLU A 172 11.82 -3.21 10.11
C GLU A 172 10.93 -2.51 9.08
N ASP A 173 11.49 -2.26 7.91
CA ASP A 173 10.78 -1.61 6.80
C ASP A 173 9.45 -2.30 6.49
N HIS A 174 9.53 -3.58 6.14
CA HIS A 174 8.36 -4.37 5.79
C HIS A 174 8.52 -5.79 6.32
N ASP A 175 7.42 -6.56 6.27
CA ASP A 175 7.45 -7.98 6.64
C ASP A 175 8.19 -8.82 5.61
N ILE A 176 8.92 -9.82 6.08
CA ILE A 176 9.64 -10.75 5.22
C ILE A 176 9.39 -12.15 5.76
N PHE A 177 9.11 -13.08 4.86
CA PHE A 177 8.88 -14.47 5.26
C PHE A 177 9.91 -15.36 4.62
N SER A 178 10.26 -16.45 5.30
CA SER A 178 11.04 -17.50 4.69
C SER A 178 10.09 -18.66 4.41
N ILE A 179 10.14 -19.18 3.18
CA ILE A 179 9.24 -20.24 2.80
C ILE A 179 10.04 -21.43 2.26
N LYS A 180 9.72 -22.62 2.75
CA LYS A 180 10.22 -23.87 2.16
C LYS A 180 9.01 -24.70 1.73
N TYR A 181 9.11 -25.33 0.57
CA TYR A 181 7.95 -26.04 -0.01
C TYR A 181 8.30 -27.24 -0.90
N GLU A 182 7.49 -28.28 -0.85
CA GLU A 182 7.54 -29.38 -1.83
C GLU A 182 7.32 -28.86 -3.26
N MET B 1 9.56 2.27 -7.83
CA MET B 1 8.57 3.25 -8.35
C MET B 1 8.73 3.40 -9.85
N TYR B 2 7.69 3.88 -10.52
CA TYR B 2 7.80 4.24 -11.93
C TYR B 2 8.88 5.27 -12.17
N GLY B 3 9.55 5.14 -13.31
CA GLY B 3 10.77 5.91 -13.60
C GLY B 3 10.61 7.42 -13.60
N LEU B 4 9.37 7.88 -13.76
CA LEU B 4 9.06 9.31 -13.73
C LEU B 4 9.55 9.94 -12.43
N VAL B 5 9.41 9.20 -11.34
CA VAL B 5 9.84 9.65 -10.02
C VAL B 5 11.35 9.91 -10.03
N ASN B 6 12.09 8.93 -10.54
CA ASN B 6 13.54 9.03 -10.64
C ASN B 6 14.00 10.09 -11.62
N LYS B 7 13.25 10.23 -12.72
CA LYS B 7 13.44 11.35 -13.64
C LYS B 7 13.26 12.69 -12.95
N ALA B 8 12.25 12.78 -12.09
CA ALA B 8 12.00 14.01 -11.33
C ALA B 8 13.16 14.38 -10.39
N ILE B 9 13.74 13.36 -9.75
CA ILE B 9 14.85 13.57 -8.81
C ILE B 9 16.08 14.06 -9.57
N GLN B 10 16.35 13.40 -10.69
CA GLN B 10 17.41 13.82 -11.59
C GLN B 10 17.24 15.28 -11.99
N ASP B 11 16.05 15.61 -12.51
CA ASP B 11 15.76 16.96 -12.99
C ASP B 11 15.95 18.01 -11.90
N MET B 12 15.42 17.72 -10.71
CA MET B 12 15.50 18.67 -9.60
C MET B 12 16.96 18.92 -9.20
N ILE B 13 17.73 17.84 -9.12
CA ILE B 13 19.13 17.88 -8.69
C ILE B 13 20.03 18.49 -9.77
N SER B 14 19.72 18.21 -11.03
CA SER B 14 20.45 18.82 -12.15
C SER B 14 20.17 20.31 -12.26
N LYS B 15 18.95 20.71 -11.96
CA LYS B 15 18.53 22.11 -12.04
C LYS B 15 19.24 22.99 -11.00
N HIS B 16 19.19 22.56 -9.74
CA HIS B 16 19.68 23.39 -8.64
C HIS B 16 21.18 23.28 -8.36
N HIS B 17 21.84 22.25 -8.90
CA HIS B 17 23.23 21.96 -8.56
C HIS B 17 24.15 21.62 -9.75
N GLY B 18 23.58 21.40 -10.93
CA GLY B 18 24.37 21.08 -12.13
C GLY B 18 24.54 19.59 -12.39
N GLU B 19 24.72 19.24 -13.67
CA GLU B 19 24.92 17.84 -14.10
C GLU B 19 26.03 17.12 -13.36
N ASP B 20 27.12 17.84 -13.07
CA ASP B 20 28.28 17.30 -12.37
C ASP B 20 27.90 16.68 -11.03
N THR B 21 27.19 17.46 -10.21
CA THR B 21 26.72 17.00 -8.92
C THR B 21 25.75 15.82 -9.08
N TRP B 22 24.79 15.95 -10.00
CA TRP B 22 23.89 14.83 -10.29
C TRP B 22 24.66 13.56 -10.67
N GLU B 23 25.66 13.69 -11.54
CA GLU B 23 26.48 12.56 -11.99
C GLU B 23 27.24 11.91 -10.82
N ALA B 24 27.70 12.74 -9.89
CA ALA B 24 28.40 12.28 -8.70
C ALA B 24 27.44 11.55 -7.76
N ILE B 25 26.22 12.06 -7.68
CA ILE B 25 25.17 11.46 -6.85
C ILE B 25 24.75 10.12 -7.46
N LYS B 26 24.52 10.12 -8.78
CA LYS B 26 24.17 8.92 -9.53
C LYS B 26 25.19 7.79 -9.30
N GLN B 27 26.47 8.14 -9.41
CA GLN B 27 27.59 7.22 -9.15
C GLN B 27 27.59 6.67 -7.72
N LYS B 28 27.47 7.57 -6.74
CA LYS B 28 27.41 7.21 -5.31
C LYS B 28 26.35 6.13 -5.03
N ALA B 29 25.18 6.28 -5.64
CA ALA B 29 24.05 5.37 -5.45
C ALA B 29 24.24 4.01 -6.13
N GLY B 30 25.33 3.88 -6.88
CA GLY B 30 25.66 2.63 -7.57
C GLY B 30 24.86 2.41 -8.85
N LEU B 31 24.37 3.51 -9.43
CA LEU B 31 23.51 3.46 -10.61
C LEU B 31 24.27 3.91 -11.87
N GLU B 32 25.57 3.61 -11.90
CA GLU B 32 26.47 3.96 -13.00
C GLU B 32 25.98 3.52 -14.38
N ASP B 33 25.39 2.32 -14.44
CA ASP B 33 25.04 1.64 -15.69
C ASP B 33 23.89 2.30 -16.45
N ILE B 34 22.74 2.42 -15.78
CA ILE B 34 21.52 3.00 -16.36
C ILE B 34 21.81 4.34 -17.04
N ASP B 35 21.63 4.37 -18.36
CA ASP B 35 21.92 5.55 -19.17
C ASP B 35 20.95 6.70 -18.94
N PHE B 36 19.69 6.32 -18.69
CA PHE B 36 18.59 7.25 -18.47
C PHE B 36 17.41 6.48 -17.85
N PHE B 37 16.62 7.15 -17.02
CA PHE B 37 15.41 6.56 -16.47
C PHE B 37 14.29 6.61 -17.50
N VAL B 38 13.50 5.55 -17.58
CA VAL B 38 12.36 5.46 -18.47
C VAL B 38 11.09 5.80 -17.68
N GLY B 39 10.40 6.85 -18.09
CA GLY B 39 9.24 7.36 -17.37
C GLY B 39 8.14 6.37 -17.04
N MET B 40 7.85 5.47 -17.97
CA MET B 40 6.72 4.55 -17.80
C MET B 40 7.15 3.14 -17.42
N GLU B 41 8.41 2.99 -17.06
CA GLU B 41 8.95 1.68 -16.66
C GLU B 41 8.99 1.60 -15.15
N ALA B 42 8.70 0.41 -14.63
CA ALA B 42 8.73 0.16 -13.20
C ALA B 42 10.16 -0.15 -12.77
N TYR B 43 10.59 0.50 -11.71
CA TYR B 43 11.90 0.27 -11.13
C TYR B 43 11.72 -0.27 -9.73
N SER B 44 12.75 -0.99 -9.26
CA SER B 44 12.81 -1.41 -7.86
C SER B 44 12.85 -0.14 -7.01
N ASP B 45 12.06 -0.10 -5.95
CA ASP B 45 12.02 1.06 -5.04
C ASP B 45 13.40 1.44 -4.51
N ASP B 46 14.33 0.48 -4.47
CA ASP B 46 15.74 0.69 -4.09
C ASP B 46 16.38 1.86 -4.83
N VAL B 47 16.09 1.96 -6.13
CA VAL B 47 16.64 3.01 -6.97
C VAL B 47 16.42 4.39 -6.35
N THR B 48 15.19 4.66 -5.92
CA THR B 48 14.81 5.93 -5.34
C THR B 48 15.51 6.20 -4.01
N TYR B 49 15.47 5.24 -3.08
CA TYR B 49 16.12 5.44 -1.76
C TYR B 49 17.62 5.62 -1.85
N HIS B 50 18.27 4.87 -2.73
CA HIS B 50 19.71 5.02 -2.96
C HIS B 50 20.03 6.40 -3.54
N LEU B 51 19.18 6.87 -4.46
CA LEU B 51 19.32 8.23 -4.97
C LEU B 51 19.18 9.26 -3.84
N VAL B 52 18.19 9.07 -2.97
CA VAL B 52 17.93 9.99 -1.86
C VAL B 52 19.08 9.94 -0.84
N GLY B 53 19.46 8.72 -0.45
CA GLY B 53 20.59 8.51 0.45
C GLY B 53 21.91 9.02 -0.09
N ALA B 54 22.12 8.87 -1.40
CA ALA B 54 23.33 9.37 -2.05
C ALA B 54 23.28 10.89 -2.23
N ALA B 55 22.09 11.44 -2.39
CA ALA B 55 21.93 12.89 -2.44
C ALA B 55 22.16 13.54 -1.08
N SER B 56 21.80 12.83 -0.01
CA SER B 56 22.00 13.31 1.37
C SER B 56 23.49 13.53 1.70
N GLU B 57 24.32 12.57 1.29
CA GLU B 57 25.77 12.61 1.57
C GLU B 57 26.52 13.66 0.75
N VAL B 58 26.26 13.69 -0.56
CA VAL B 58 26.97 14.58 -1.49
C VAL B 58 26.65 16.06 -1.26
N LEU B 59 25.41 16.35 -0.89
CA LEU B 59 24.94 17.74 -0.75
C LEU B 59 25.09 18.32 0.65
N GLY B 60 25.14 17.46 1.66
CA GLY B 60 25.26 17.87 3.05
C GLY B 60 23.93 18.30 3.66
N LYS B 61 22.87 17.63 3.24
CA LYS B 61 21.50 17.89 3.72
C LYS B 61 20.89 16.61 4.25
N PRO B 62 20.06 16.71 5.30
CA PRO B 62 19.30 15.54 5.73
C PRO B 62 18.35 15.03 4.64
N ALA B 63 18.18 13.71 4.60
CA ALA B 63 17.36 13.03 3.61
C ALA B 63 15.92 13.52 3.66
N GLU B 64 15.44 13.74 4.89
CA GLU B 64 14.11 14.27 5.16
C GLU B 64 13.92 15.60 4.44
N GLU B 65 14.95 16.43 4.45
CA GLU B 65 14.87 17.76 3.86
C GLU B 65 14.77 17.68 2.33
N LEU B 66 15.48 16.72 1.74
CA LEU B 66 15.46 16.51 0.28
C LEU B 66 14.16 15.88 -0.19
N LEU B 67 13.46 15.20 0.71
CA LEU B 67 12.17 14.60 0.37
C LEU B 67 11.09 15.65 0.40
N ILE B 68 11.24 16.61 1.31
CA ILE B 68 10.32 17.73 1.41
C ILE B 68 10.40 18.59 0.15
N ALA B 69 11.62 19.00 -0.19
CA ALA B 69 11.90 19.73 -1.42
C ALA B 69 11.39 18.96 -2.66
N PHE B 70 11.65 17.66 -2.71
CA PHE B 70 11.21 16.84 -3.84
C PHE B 70 9.69 16.74 -3.96
N GLY B 71 9.02 16.57 -2.82
CA GLY B 71 7.56 16.61 -2.75
C GLY B 71 6.97 17.87 -3.36
N GLU B 72 7.57 19.02 -3.06
CA GLU B 72 7.12 20.28 -3.67
C GLU B 72 7.42 20.34 -5.16
N TYR B 73 8.56 19.79 -5.55
CA TYR B 73 8.97 19.77 -6.94
C TYR B 73 8.01 18.96 -7.83
N TRP B 74 7.58 17.81 -7.31
CA TRP B 74 6.83 16.82 -8.05
C TRP B 74 5.56 17.42 -8.63
N VAL B 75 4.89 18.25 -7.83
CA VAL B 75 3.66 18.92 -8.20
C VAL B 75 3.83 19.79 -9.44
N THR B 76 4.90 20.58 -9.47
CA THR B 76 5.22 21.43 -10.63
C THR B 76 5.77 20.58 -11.78
N TYR B 77 6.60 19.59 -11.44
CA TYR B 77 7.23 18.74 -12.43
C TYR B 77 6.22 17.94 -13.25
N THR B 78 5.24 17.33 -12.59
CA THR B 78 4.25 16.49 -13.29
C THR B 78 3.31 17.31 -14.18
N SER B 79 2.97 18.52 -13.74
CA SER B 79 2.13 19.44 -14.50
C SER B 79 2.71 19.81 -15.87
N GLU B 80 4.04 19.79 -15.98
CA GLU B 80 4.74 20.21 -17.21
C GLU B 80 5.29 19.05 -18.04
N GLU B 81 5.12 17.81 -17.54
CA GLU B 81 5.66 16.64 -18.22
C GLU B 81 4.56 15.68 -18.65
N GLY B 82 3.36 16.21 -18.88
CA GLY B 82 2.25 15.43 -19.43
C GLY B 82 1.06 15.14 -18.52
N TYR B 83 1.05 15.72 -17.33
CA TYR B 83 -0.01 15.41 -16.37
C TYR B 83 -0.78 16.65 -15.88
N GLY B 84 -0.63 17.75 -16.61
CA GLY B 84 -1.26 19.03 -16.25
C GLY B 84 -2.78 18.98 -16.24
N GLU B 85 -3.36 18.32 -17.24
CA GLU B 85 -4.82 18.16 -17.32
C GLU B 85 -5.36 17.17 -16.29
N LEU B 86 -4.64 16.07 -16.11
CA LEU B 86 -4.95 15.13 -15.04
C LEU B 86 -4.94 15.84 -13.69
N LEU B 87 -3.93 16.69 -13.45
CA LEU B 87 -3.90 17.48 -12.22
C LEU B 87 -5.07 18.46 -12.11
N ALA B 88 -5.30 19.22 -13.17
CA ALA B 88 -6.45 20.12 -13.23
C ALA B 88 -7.77 19.41 -12.88
N SER B 89 -8.02 18.24 -13.48
CA SER B 89 -9.27 17.48 -13.25
C SER B 89 -9.53 17.07 -11.79
N ALA B 90 -8.53 17.25 -10.93
CA ALA B 90 -8.65 16.88 -9.53
C ALA B 90 -9.17 18.03 -8.66
N GLY B 91 -9.29 19.22 -9.23
CA GLY B 91 -9.93 20.32 -8.53
C GLY B 91 -9.09 21.59 -8.48
N ASP B 92 -9.68 22.64 -7.89
CA ASP B 92 -9.05 23.95 -7.83
C ASP B 92 -8.83 24.42 -6.40
N SER B 93 -8.87 23.48 -5.46
CA SER B 93 -8.60 23.78 -4.06
C SER B 93 -7.87 22.62 -3.38
N LEU B 94 -7.27 22.89 -2.23
CA LEU B 94 -6.52 21.84 -1.52
C LEU B 94 -7.42 20.73 -0.97
N PRO B 95 -8.49 21.07 -0.24
CA PRO B 95 -9.34 19.99 0.28
C PRO B 95 -9.96 19.10 -0.81
N GLU B 96 -10.40 19.71 -1.91
CA GLU B 96 -10.98 18.96 -3.04
C GLU B 96 -9.95 18.05 -3.72
N PHE B 97 -8.77 18.61 -3.99
CA PHE B 97 -7.66 17.82 -4.53
C PHE B 97 -7.41 16.58 -3.69
N MET B 98 -7.27 16.76 -2.38
CA MET B 98 -7.06 15.65 -1.47
C MET B 98 -8.20 14.63 -1.48
N GLU B 99 -9.42 15.10 -1.68
CA GLU B 99 -10.58 14.22 -1.80
C GLU B 99 -10.53 13.37 -3.06
N ASN B 100 -9.97 13.93 -4.14
CA ASN B 100 -9.99 13.29 -5.46
C ASN B 100 -8.81 12.36 -5.74
N LEU B 101 -7.79 12.45 -4.89
CA LEU B 101 -6.49 11.85 -5.15
C LEU B 101 -6.56 10.34 -5.39
N ASP B 102 -7.36 9.62 -4.63
CA ASP B 102 -7.49 8.18 -4.84
C ASP B 102 -7.99 7.88 -6.26
N ASN B 103 -8.96 8.66 -6.72
CA ASN B 103 -9.52 8.52 -8.06
C ASN B 103 -8.58 9.01 -9.16
N LEU B 104 -7.69 9.94 -8.80
CA LEU B 104 -6.64 10.36 -9.72
C LEU B 104 -5.72 9.18 -9.97
N HIS B 105 -5.26 8.56 -8.88
CA HIS B 105 -4.35 7.41 -8.94
C HIS B 105 -4.97 6.18 -9.60
N ALA B 106 -6.26 5.98 -9.37
CA ALA B 106 -7.01 4.92 -10.02
C ALA B 106 -6.93 5.08 -11.56
N ARG B 107 -7.08 6.33 -12.01
CA ARG B 107 -6.94 6.74 -13.40
C ARG B 107 -5.56 6.44 -13.99
N VAL B 108 -4.51 6.88 -13.30
CA VAL B 108 -3.13 6.64 -13.73
C VAL B 108 -2.77 5.16 -13.70
N GLY B 109 -3.52 4.36 -12.94
CA GLY B 109 -3.20 2.95 -12.72
C GLY B 109 -3.64 1.98 -13.81
N LEU B 110 -4.68 2.35 -14.56
CA LEU B 110 -5.09 1.57 -15.73
C LEU B 110 -3.94 1.56 -16.70
N SER B 111 -3.55 2.76 -17.10
CA SER B 111 -2.37 3.00 -17.89
C SER B 111 -1.18 2.18 -17.36
N PHE B 112 -0.94 2.27 -16.05
CA PHE B 112 0.22 1.61 -15.43
C PHE B 112 -0.10 0.67 -14.26
N PRO B 113 0.03 -0.64 -14.52
CA PRO B 113 -0.43 -1.78 -13.73
C PRO B 113 0.41 -2.13 -12.52
N GLN B 114 1.68 -1.71 -12.50
CA GLN B 114 2.52 -1.98 -11.34
C GLN B 114 2.50 -0.84 -10.32
N LEU B 115 1.62 0.15 -10.56
CA LEU B 115 1.41 1.26 -9.65
C LEU B 115 1.01 0.76 -8.28
N ARG B 116 1.63 1.32 -7.24
CA ARG B 116 1.22 1.06 -5.88
C ARG B 116 0.87 2.40 -5.26
N PRO B 117 -0.33 2.94 -5.57
CA PRO B 117 -0.66 4.28 -5.13
C PRO B 117 -0.92 4.34 -3.63
N PRO B 118 -0.55 5.44 -2.98
CA PRO B 118 -0.93 5.66 -1.57
C PRO B 118 -2.44 5.83 -1.45
N ALA B 119 -2.98 5.63 -0.26
CA ALA B 119 -4.38 5.97 0.01
C ALA B 119 -4.49 7.17 0.96
N PHE B 120 -5.31 8.15 0.59
CA PHE B 120 -5.48 9.37 1.38
C PHE B 120 -6.92 9.57 1.86
N GLU B 121 -7.09 9.62 3.18
CA GLU B 121 -8.41 9.81 3.78
C GLU B 121 -8.51 11.12 4.57
N CYS B 122 -9.50 11.93 4.22
CA CYS B 122 -9.70 13.23 4.84
C CYS B 122 -10.82 13.20 5.86
N GLN B 123 -10.56 13.82 7.01
CA GLN B 123 -11.61 14.23 7.92
C GLN B 123 -11.54 15.74 8.04
N HIS B 124 -12.57 16.43 7.55
CA HIS B 124 -12.63 17.88 7.64
C HIS B 124 -13.14 18.28 9.02
N THR B 125 -12.32 19.04 9.72
CA THR B 125 -12.59 19.48 11.09
C THR B 125 -13.24 20.87 11.07
N SER B 126 -13.05 21.59 9.97
CA SER B 126 -13.69 22.87 9.70
C SER B 126 -13.69 23.14 8.19
N SER B 127 -14.04 24.36 7.80
CA SER B 127 -13.94 24.81 6.40
C SER B 127 -12.54 25.34 6.12
N LYS B 128 -11.62 25.12 7.06
CA LYS B 128 -10.25 25.61 6.97
C LYS B 128 -9.20 24.62 7.50
N SER B 129 -9.62 23.38 7.79
CA SER B 129 -8.73 22.41 8.42
C SER B 129 -9.19 20.99 8.22
N MET B 130 -8.30 20.04 8.45
CA MET B 130 -8.60 18.63 8.24
C MET B 130 -7.58 17.74 8.92
N GLU B 131 -7.98 16.50 9.17
CA GLU B 131 -7.04 15.45 9.57
C GLU B 131 -6.86 14.52 8.37
N LEU B 132 -5.63 14.39 7.89
CA LEU B 132 -5.34 13.57 6.72
C LEU B 132 -4.70 12.26 7.15
N HIS B 133 -5.25 11.16 6.64
CA HIS B 133 -4.68 9.85 6.88
C HIS B 133 -3.91 9.41 5.64
N TYR B 134 -2.66 9.03 5.85
CA TYR B 134 -1.77 8.66 4.75
C TYR B 134 -1.38 7.20 4.93
N GLN B 135 -1.88 6.35 4.04
CA GLN B 135 -1.64 4.91 4.09
C GLN B 135 -0.78 4.49 2.89
N SER B 136 0.29 3.75 3.15
CA SER B 136 1.28 3.44 2.10
C SER B 136 1.92 2.06 2.19
N THR B 137 2.36 1.56 1.04
CA THR B 137 3.12 0.32 0.97
C THR B 137 4.59 0.60 1.24
N ARG B 138 4.94 1.88 1.27
CA ARG B 138 6.33 2.31 1.42
C ARG B 138 6.58 3.01 2.75
N CYS B 139 7.81 2.91 3.26
CA CYS B 139 8.20 3.52 4.53
C CYS B 139 8.97 4.82 4.33
N GLY B 140 8.84 5.73 5.28
CA GLY B 140 9.62 6.96 5.32
C GLY B 140 9.33 8.07 4.32
N LEU B 141 8.17 8.02 3.65
CA LEU B 141 7.85 9.03 2.63
C LEU B 141 6.92 10.14 3.14
N ALA B 142 6.66 10.16 4.44
CA ALA B 142 5.86 11.19 5.06
C ALA B 142 6.43 12.59 4.80
N PRO B 143 7.77 12.76 4.90
CA PRO B 143 8.32 14.07 4.55
C PRO B 143 8.03 14.49 3.11
N MET B 144 7.91 13.52 2.21
CA MET B 144 7.56 13.84 0.82
C MET B 144 6.13 14.36 0.78
N VAL B 145 5.25 13.76 1.57
CA VAL B 145 3.87 14.25 1.68
C VAL B 145 3.80 15.69 2.22
N LEU B 146 4.67 16.03 3.17
CA LEU B 146 4.77 17.40 3.66
C LEU B 146 5.02 18.38 2.53
N GLY B 147 6.05 18.13 1.74
CA GLY B 147 6.35 18.95 0.57
C GLY B 147 5.23 18.99 -0.45
N LEU B 148 4.63 17.82 -0.74
CA LEU B 148 3.52 17.71 -1.68
C LEU B 148 2.38 18.64 -1.28
N LEU B 149 2.08 18.68 0.02
CA LEU B 149 1.04 19.56 0.54
C LEU B 149 1.42 21.04 0.39
N HIS B 150 2.70 21.34 0.52
CA HIS B 150 3.20 22.69 0.31
C HIS B 150 3.25 23.05 -1.17
N GLY B 151 3.47 22.05 -2.01
CA GLY B 151 3.40 22.22 -3.46
C GLY B 151 1.98 22.46 -3.92
N LEU B 152 1.02 21.76 -3.31
CA LEU B 152 -0.40 22.00 -3.62
C LEU B 152 -0.89 23.36 -3.12
N GLY B 153 -0.39 23.77 -1.95
CA GLY B 153 -0.68 25.10 -1.39
C GLY B 153 -0.22 26.20 -2.32
N LYS B 154 0.97 26.05 -2.89
CA LYS B 154 1.46 26.97 -3.90
C LYS B 154 0.61 26.92 -5.18
N ARG B 155 0.31 25.71 -5.65
CA ARG B 155 -0.47 25.51 -6.87
C ARG B 155 -1.82 26.24 -6.82
N PHE B 156 -2.43 26.24 -5.63
CA PHE B 156 -3.76 26.82 -5.42
C PHE B 156 -3.73 28.17 -4.67
N GLN B 157 -2.55 28.75 -4.48
CA GLN B 157 -2.41 30.03 -3.76
C GLN B 157 -3.07 29.96 -2.39
N THR B 158 -2.68 28.94 -1.63
CA THR B 158 -3.26 28.67 -0.34
C THR B 158 -2.11 28.54 0.66
N LYS B 159 -2.29 29.19 1.80
CA LYS B 159 -1.36 29.09 2.93
C LYS B 159 -1.67 27.79 3.65
N VAL B 160 -0.67 26.95 3.85
CA VAL B 160 -0.87 25.64 4.47
C VAL B 160 0.03 25.43 5.69
N GLU B 161 -0.60 25.14 6.83
CA GLU B 161 0.14 24.76 8.02
C GLU B 161 -0.16 23.29 8.29
N VAL B 162 0.89 22.48 8.40
CA VAL B 162 0.73 21.03 8.56
C VAL B 162 1.73 20.45 9.52
N THR B 163 1.23 19.63 10.44
CA THR B 163 2.07 18.95 11.40
C THR B 163 1.69 17.47 11.44
N GLN B 164 2.68 16.59 11.47
CA GLN B 164 2.41 15.15 11.54
C GLN B 164 2.16 14.76 12.98
N THR B 165 1.09 14.01 13.21
CA THR B 165 0.63 13.68 14.56
C THR B 165 0.65 12.18 14.87
N ALA B 166 0.83 11.34 13.84
CA ALA B 166 1.01 9.89 14.03
C ALA B 166 2.02 9.35 13.01
N PHE B 167 2.80 8.35 13.44
CA PHE B 167 3.97 7.90 12.69
C PHE B 167 3.99 6.38 12.48
N ARG B 168 3.91 5.98 11.19
CA ARG B 168 4.04 4.59 10.75
C ARG B 168 5.32 4.00 11.34
N GLU B 169 6.42 4.75 11.26
CA GLU B 169 7.74 4.24 11.65
C GLU B 169 7.94 4.01 13.15
N THR B 170 7.15 4.66 13.99
CA THR B 170 7.23 4.45 15.43
C THR B 170 6.38 3.27 15.88
N GLY B 171 5.64 2.68 14.94
CA GLY B 171 4.80 1.51 15.22
C GLY B 171 3.31 1.76 15.24
N GLU B 172 2.90 2.98 14.87
CA GLU B 172 1.49 3.32 14.77
C GLU B 172 0.88 2.78 13.47
N ASP B 173 -0.45 2.63 13.45
CA ASP B 173 -1.17 2.05 12.30
C ASP B 173 -0.82 2.73 10.96
N HIS B 174 -0.77 4.06 10.95
CA HIS B 174 -0.41 4.84 9.74
C HIS B 174 -0.10 6.28 10.08
N ASP B 175 0.57 6.98 9.14
CA ASP B 175 0.86 8.39 9.29
C ASP B 175 -0.41 9.23 9.23
N ILE B 176 -0.48 10.20 10.12
CA ILE B 176 -1.60 11.14 10.19
C ILE B 176 -1.03 12.55 10.28
N PHE B 177 -1.68 13.51 9.63
CA PHE B 177 -1.29 14.91 9.68
C PHE B 177 -2.50 15.76 10.09
N SER B 178 -2.25 16.81 10.88
CA SER B 178 -3.24 17.89 11.08
C SER B 178 -2.87 19.03 10.15
N ILE B 179 -3.87 19.57 9.46
CA ILE B 179 -3.63 20.60 8.45
C ILE B 179 -4.57 21.79 8.64
N LYS B 180 -4.02 23.00 8.50
CA LYS B 180 -4.79 24.23 8.45
C LYS B 180 -4.42 24.95 7.17
N TYR B 181 -5.44 25.44 6.45
CA TYR B 181 -5.22 26.12 5.17
C TYR B 181 -5.93 27.47 5.00
N GLU B 182 -5.41 28.27 4.07
CA GLU B 182 -5.83 29.67 3.83
C GLU B 182 -5.99 30.51 5.08
OAA Z90 C . -3.96 -5.44 2.47
OAB Z90 C . -8.01 -3.38 -0.95
OAC Z90 C . -2.18 -6.22 3.52
OAD Z90 C . -10.02 -4.19 -0.62
CAE Z90 C . -14.46 -7.26 -5.39
CAF Z90 C . -14.22 -8.41 -6.13
CAG Z90 C . -13.53 -6.85 -4.45
CAH Z90 C . -2.13 -14.29 -1.22
CAI Z90 C . -2.66 -15.44 -1.81
CAJ Z90 C . -13.05 -9.15 -5.93
CAK Z90 C . -12.36 -7.57 -4.23
CAL Z90 C . -2.89 -13.10 -1.21
CAM Z90 C . -3.92 -15.39 -2.40
CAN Z90 C . -9.62 -13.10 -5.21
CAO Z90 C . -8.55 -11.03 -4.60
CAP Z90 C . -8.42 -13.79 -4.99
CAQ Z90 C . -7.35 -11.71 -4.38
CAR Z90 C . -8.69 -8.15 -0.81
CAS Z90 C . -6.49 -7.34 -1.35
CAT Z90 C . -9.15 -6.83 -0.71
CAU Z90 C . -6.94 -6.02 -1.27
CAV Z90 C . -4.73 -8.34 2.80
CAW Z90 C . -5.04 -9.65 2.09
CAX Z90 C . -3.43 -7.76 2.28
CAY Z90 C . -10.85 -9.53 -4.73
CAZ Z90 C . -10.98 -10.97 -5.24
CBA Z90 C . -4.90 -11.69 -1.73
CBB Z90 C . -6.24 -9.51 1.16
CBC Z90 C . -4.83 -10.93 -0.39
CBD Z90 C . -6.09 -13.75 -4.34
CBE Z90 C . -6.90 -9.86 -1.22
OBF Z90 C . -5.91 -14.24 -2.98
CBG Z90 C . -3.17 -6.35 2.81
CBH Z90 C . -8.81 -4.34 -0.84
CBI Z90 C . -12.13 -8.73 -4.98
CBJ Z90 C . -9.68 -11.73 -5.01
CBK Z90 C . -7.28 -13.08 -4.58
CBL Z90 C . -7.36 -8.41 -1.11
CBM Z90 C . -8.28 -5.77 -0.96
CBN Z90 C . -4.15 -13.04 -1.78
CBO Z90 C . -4.66 -14.21 -2.41
NBP Z90 C . -6.15 -10.36 -0.04
OAA Z90 D . 4.04 5.28 -2.24
OAB Z90 D . 3.72 3.18 -7.22
OAC Z90 D . 2.51 5.81 -0.73
OAD Z90 D . 5.35 3.81 -8.60
CAE Z90 D . 3.47 5.78 -14.57
CAF Z90 D . 4.09 6.96 -15.00
CAG Z90 D . 2.70 5.78 -13.41
CAH Z90 D . -0.19 14.28 -3.46
CAI Z90 D . -0.25 15.31 -4.39
CAJ Z90 D . 3.96 8.11 -14.24
CAK Z90 D . 2.57 6.95 -12.65
CAL Z90 D . 0.27 13.02 -3.84
CAM Z90 D . 0.14 15.08 -5.70
CAN Z90 D . 1.29 12.41 -11.61
CAO Z90 D . 0.85 10.39 -10.36
CAP Z90 D . 0.85 13.17 -10.53
CAQ Z90 D . 0.40 11.14 -9.28
CAR Z90 D . 4.42 7.90 -7.88
CAS Z90 D . 2.54 7.15 -6.57
CAT Z90 D . 4.79 6.57 -8.10
CAU Z90 D . 2.90 5.82 -6.80
CAV Z90 D . 4.56 7.91 -2.79
CAW Z90 D . 3.86 9.13 -3.37
CAX Z90 D . 3.94 7.53 -1.46
CAY Z90 D . 3.04 9.38 -12.25
CAZ Z90 D . 1.80 10.17 -12.68
CBA Z90 D . 1.16 11.36 -5.49
CBB Z90 D . 4.38 9.42 -4.79
CBC Z90 D . 2.39 10.89 -4.69
CBD Z90 D . -0.04 13.27 -8.30
CBE Z90 D . 2.89 9.63 -6.84
OBF Z90 D . 1.00 13.59 -7.36
CBG Z90 D . 3.46 6.08 -1.48
CBH Z90 D . 4.40 4.06 -7.80
CBI Z90 D . 3.20 8.11 -13.07
CBJ Z90 D . 1.30 11.02 -11.52
CBK Z90 D . 0.39 12.53 -9.38
CBL Z90 D . 3.31 8.19 -7.10
CBM Z90 D . 4.03 5.54 -7.56
CBN Z90 D . 0.68 12.77 -5.14
CBO Z90 D . 0.60 13.82 -6.07
NBP Z90 D . 3.38 10.19 -5.55
#